data_2FES
#
_entry.id   2FES
#
_cell.length_a   71.240
_cell.length_b   72.390
_cell.length_c   73.060
_cell.angle_alpha   90.00
_cell.angle_beta   101.01
_cell.angle_gamma   90.00
#
_symmetry.space_group_name_H-M   'C 1 2 1'
#
loop_
_entity.id
_entity.type
_entity.pdbx_description
1 polymer 'Thrombin light chain'
2 polymer 'Thrombin heavy chain'
3 polymer 'Decapeptide Hirudin Analogue'
4 non-polymer N-(CARBOXYMETHYL)-3-CYCLOHEXYL-D-ALANYL-N-({5-[(E)-AMINO(IMINO)METHYL]THIEN-2-YL}METHYL)-L-PROLINAMIDE
5 water water
#
loop_
_entity_poly.entity_id
_entity_poly.type
_entity_poly.pdbx_seq_one_letter_code
_entity_poly.pdbx_strand_id
1 'polypeptide(L)' TFGSGEADCGLRPLFEKKSLEDKTERELLESYIDGR L
2 'polypeptide(L)'
;IVEGSDAEIGMSPWQVMLFRKSPQELLCGASLISDRWVLTAAHCLLYPPWDKNFTENDLLVRIGKHSRTRYERNIEKISM
LEKIYIHPRYNWRENLDRDIALMKLKKPVAFSDYIHPVCLPDRETAASLLQAGYKGRVTGWGNLKETWTANVGKGQPSVL
QVVNLPIVERPVCKDSTRIRITDNMFCAGYKPDEGKRGDACEGDSGGPFVMKSPFNNRWYQMGIVSWGEGCDRDGKYGFY
THVFRLKKWIQKVIDQFGE
;
H
3 'polypeptide(L)' (SIN)YEPI(HYP)EE(SMF)(ALC)Q D
#
# COMPACT_ATOMS: atom_id res chain seq x y z
N GLY A 3 21.38 -1.83 -6.07
CA GLY A 3 21.68 -0.39 -5.89
C GLY A 3 20.71 0.29 -4.92
N SER A 4 19.85 1.15 -5.44
CA SER A 4 18.86 1.86 -4.63
C SER A 4 17.80 0.88 -4.13
N GLY A 5 17.88 -0.35 -4.62
CA GLY A 5 16.94 -1.38 -4.24
C GLY A 5 17.61 -2.74 -4.26
N GLU A 6 17.37 -3.53 -3.22
CA GLU A 6 17.97 -4.86 -3.13
C GLU A 6 17.59 -5.71 -4.33
N ALA A 7 18.60 -6.20 -5.04
CA ALA A 7 18.36 -7.03 -6.21
C ALA A 7 17.31 -8.08 -5.89
N ASP A 8 16.49 -8.40 -6.89
CA ASP A 8 15.43 -9.39 -6.76
C ASP A 8 14.07 -8.79 -6.38
N CYS A 9 14.06 -7.59 -5.80
CA CYS A 9 12.78 -6.97 -5.43
C CYS A 9 11.96 -6.68 -6.68
N GLY A 10 10.64 -6.68 -6.54
CA GLY A 10 9.76 -6.37 -7.66
C GLY A 10 9.52 -7.44 -8.70
N LEU A 11 10.25 -8.56 -8.58
CA LEU A 11 10.08 -9.67 -9.52
C LEU A 11 9.25 -10.74 -8.82
N ARG A 12 7.99 -10.88 -9.22
CA ARG A 12 7.11 -11.87 -8.60
C ARG A 12 7.43 -13.29 -9.04
N PRO A 13 7.54 -14.21 -8.06
CA PRO A 13 7.85 -15.61 -8.29
C PRO A 13 6.89 -16.30 -9.27
N LEU A 14 5.60 -15.96 -9.16
CA LEU A 14 4.59 -16.59 -10.02
C LEU A 14 4.29 -15.84 -11.31
N PHE A 15 5.04 -14.79 -11.59
CA PHE A 15 4.80 -14.07 -12.83
C PHE A 15 6.08 -13.69 -13.57
N GLU A 16 6.70 -12.58 -13.19
CA GLU A 16 7.92 -12.14 -13.87
C GLU A 16 8.99 -13.23 -13.98
N LYS A 17 9.19 -13.98 -12.90
CA LYS A 17 10.19 -15.04 -12.90
C LYS A 17 9.86 -16.24 -13.80
N LYS A 18 8.60 -16.40 -14.17
CA LYS A 18 8.20 -17.51 -15.05
C LYS A 18 7.83 -16.91 -16.40
N SER A 19 7.96 -15.59 -16.49
CA SER A 19 7.62 -14.85 -17.69
C SER A 19 6.13 -14.93 -18.01
N LEU A 20 5.30 -15.02 -16.96
CA LEU A 20 3.86 -15.06 -17.15
C LEU A 20 3.34 -13.68 -16.75
N GLU A 21 2.23 -13.27 -17.36
CA GLU A 21 1.62 -11.97 -17.08
C GLU A 21 0.29 -12.11 -16.34
N ASP A 22 -0.03 -11.14 -15.49
CA ASP A 22 -1.29 -11.18 -14.77
C ASP A 22 -2.40 -10.55 -15.62
N LYS A 23 -3.65 -10.81 -15.24
CA LYS A 23 -4.85 -10.34 -15.94
C LYS A 23 -4.88 -8.90 -16.43
N THR A 24 -4.38 -7.95 -15.63
CA THR A 24 -4.46 -6.56 -16.04
C THR A 24 -3.18 -5.75 -16.04
N GLU A 25 -2.03 -6.38 -15.84
CA GLU A 25 -0.79 -5.60 -15.81
C GLU A 25 -0.55 -4.88 -17.13
N ARG A 26 -1.16 -5.38 -18.20
CA ARG A 26 -1.02 -4.78 -19.51
C ARG A 26 -1.67 -3.39 -19.56
N GLU A 27 -2.71 -3.19 -18.75
CA GLU A 27 -3.41 -1.91 -18.68
C GLU A 27 -2.47 -0.81 -18.17
N LEU A 28 -1.58 -1.17 -17.26
CA LEU A 28 -0.64 -0.21 -16.71
C LEU A 28 0.41 0.18 -17.75
N LEU A 29 1.05 -0.82 -18.31
CA LEU A 29 2.10 -0.59 -19.30
C LEU A 29 1.60 0.21 -20.51
N GLU A 30 0.37 -0.04 -20.94
CA GLU A 30 -0.19 0.69 -22.07
C GLU A 30 -0.42 2.15 -21.74
N SER A 31 -0.50 2.47 -20.46
CA SER A 31 -0.73 3.84 -20.06
C SER A 31 0.56 4.63 -19.92
N TYR A 32 1.70 3.93 -19.96
CA TYR A 32 2.98 4.61 -19.81
C TYR A 32 3.50 5.15 -21.13
N ILE A 33 2.91 6.24 -21.60
CA ILE A 33 3.33 6.87 -22.86
C ILE A 33 4.54 7.78 -22.63
N ILE B 1 -11.38 -1.55 -1.26
CA ILE B 1 -11.39 -1.21 -2.72
C ILE B 1 -12.82 -1.20 -3.27
N VAL B 2 -13.14 -0.13 -3.99
CA VAL B 2 -14.47 0.01 -4.59
C VAL B 2 -14.35 -0.15 -6.10
N GLU B 3 -15.23 -0.95 -6.68
CA GLU B 3 -15.23 -1.20 -8.13
C GLU B 3 -13.98 -1.90 -8.61
N GLY B 4 -13.40 -2.74 -7.76
CA GLY B 4 -12.21 -3.48 -8.14
C GLY B 4 -12.61 -4.91 -8.48
N SER B 5 -11.64 -5.82 -8.40
CA SER B 5 -11.91 -7.23 -8.69
C SER B 5 -10.95 -8.10 -7.89
N ASP B 6 -11.25 -9.40 -7.83
CA ASP B 6 -10.42 -10.33 -7.08
C ASP B 6 -9.02 -10.45 -7.67
N ALA B 7 -8.01 -10.29 -6.83
CA ALA B 7 -6.63 -10.42 -7.28
C ALA B 7 -6.36 -11.90 -7.52
N GLU B 8 -5.44 -12.23 -8.42
CA GLU B 8 -5.13 -13.64 -8.63
C GLU B 8 -4.00 -14.01 -7.67
N ILE B 9 -3.84 -15.31 -7.43
CA ILE B 9 -2.82 -15.80 -6.50
C ILE B 9 -1.41 -15.30 -6.83
N GLY B 10 -0.72 -14.80 -5.81
CA GLY B 10 0.65 -14.33 -6.00
C GLY B 10 0.80 -13.06 -6.81
N MET B 11 -0.30 -12.34 -7.01
CA MET B 11 -0.28 -11.09 -7.78
C MET B 11 0.36 -9.92 -7.01
N SER B 12 0.29 -9.95 -5.68
CA SER B 12 0.86 -8.90 -4.84
C SER B 12 1.54 -9.54 -3.64
N PRO B 13 2.65 -10.26 -3.87
CA PRO B 13 3.42 -10.94 -2.83
C PRO B 13 4.01 -10.03 -1.75
N TRP B 14 3.85 -8.72 -1.90
CA TRP B 14 4.37 -7.78 -0.91
C TRP B 14 3.24 -7.23 -0.04
N GLN B 15 2.00 -7.57 -0.41
CA GLN B 15 0.83 -7.11 0.32
C GLN B 15 0.85 -7.65 1.75
N VAL B 16 0.75 -6.76 2.72
CA VAL B 16 0.76 -7.15 4.12
C VAL B 16 -0.53 -6.73 4.80
N MET B 17 -0.95 -7.52 5.78
CA MET B 17 -2.16 -7.20 6.55
C MET B 17 -1.78 -6.86 7.98
N LEU B 18 -2.23 -5.71 8.46
CA LEU B 18 -1.98 -5.29 9.83
C LEU B 18 -3.14 -5.81 10.65
N PHE B 19 -2.89 -6.83 11.47
CA PHE B 19 -3.94 -7.44 12.26
C PHE B 19 -3.84 -7.05 13.74
N ARG B 20 -4.99 -6.79 14.35
CA ARG B 20 -5.03 -6.42 15.77
C ARG B 20 -5.15 -7.67 16.64
N LYS B 21 -4.39 -7.72 17.73
CA LYS B 21 -4.45 -8.88 18.63
C LYS B 21 -5.80 -9.00 19.31
N SER B 22 -6.33 -7.90 19.83
CA SER B 22 -7.61 -7.96 20.52
C SER B 22 -8.34 -6.62 20.52
N PRO B 23 -9.55 -6.58 19.94
CA PRO B 23 -10.20 -7.72 19.29
C PRO B 23 -9.59 -8.04 17.92
N GLN B 24 -9.42 -9.32 17.61
CA GLN B 24 -8.85 -9.74 16.34
C GLN B 24 -9.63 -9.14 15.17
N GLU B 25 -8.99 -8.23 14.45
CA GLU B 25 -9.64 -7.59 13.31
C GLU B 25 -8.63 -6.92 12.37
N LEU B 26 -9.05 -6.76 11.12
CA LEU B 26 -8.23 -6.11 10.11
C LEU B 26 -8.06 -4.68 10.58
N LEU B 27 -6.82 -4.19 10.55
CA LEU B 27 -6.55 -2.83 10.98
C LEU B 27 -6.09 -1.94 9.82
N CYS B 28 -5.26 -2.50 8.93
CA CYS B 28 -4.74 -1.75 7.81
C CYS B 28 -4.00 -2.63 6.82
N GLY B 29 -3.58 -2.03 5.72
CA GLY B 29 -2.80 -2.74 4.72
C GLY B 29 -1.37 -2.27 4.97
N ALA B 30 -0.41 -2.85 4.27
CA ALA B 30 1.00 -2.47 4.42
C ALA B 30 1.76 -3.18 3.31
N SER B 31 3.09 -3.07 3.30
CA SER B 31 3.88 -3.72 2.26
C SER B 31 5.27 -4.13 2.75
N LEU B 32 5.77 -5.23 2.18
CA LEU B 32 7.08 -5.76 2.53
C LEU B 32 8.13 -5.17 1.57
N ILE B 33 9.14 -4.49 2.12
CA ILE B 33 10.18 -3.87 1.31
C ILE B 33 11.55 -4.55 1.45
N SER B 34 11.64 -5.50 2.37
CA SER B 34 12.85 -6.28 2.60
C SER B 34 12.43 -7.38 3.56
N ASP B 35 13.35 -8.26 3.94
CA ASP B 35 12.99 -9.35 4.84
C ASP B 35 12.70 -8.96 6.29
N ARG B 36 13.04 -7.72 6.66
CA ARG B 36 12.82 -7.23 8.03
C ARG B 36 11.96 -5.98 8.15
N TRP B 37 11.71 -5.28 7.04
CA TRP B 37 10.93 -4.05 7.12
C TRP B 37 9.61 -3.99 6.38
N VAL B 38 8.60 -3.44 7.07
CA VAL B 38 7.27 -3.28 6.52
C VAL B 38 6.93 -1.79 6.49
N LEU B 39 6.30 -1.34 5.41
CA LEU B 39 5.93 0.05 5.25
C LEU B 39 4.42 0.21 5.35
N THR B 40 3.96 1.27 6.01
CA THR B 40 2.52 1.51 6.15
C THR B 40 2.23 3.00 6.39
N ALA B 41 0.96 3.34 6.56
CA ALA B 41 0.59 4.72 6.81
C ALA B 41 0.65 5.00 8.31
N ALA B 42 1.15 6.18 8.68
CA ALA B 42 1.24 6.54 10.09
C ALA B 42 -0.12 6.61 10.78
N HIS B 43 -1.15 7.11 10.10
CA HIS B 43 -2.45 7.20 10.73
C HIS B 43 -3.01 5.82 11.14
N CYS B 44 -2.38 4.75 10.63
CA CYS B 44 -2.81 3.40 10.98
C CYS B 44 -2.42 3.08 12.42
N LEU B 45 -1.39 3.77 12.90
CA LEU B 45 -0.87 3.55 14.25
C LEU B 45 -1.20 4.68 15.22
N LEU B 46 -1.17 5.92 14.72
CA LEU B 46 -1.43 7.08 15.55
C LEU B 46 -2.38 8.08 14.92
N TYR B 47 -3.49 8.34 15.61
CA TYR B 47 -4.49 9.30 15.15
C TYR B 47 -5.38 9.68 16.33
N PRO B 48 -4.92 10.63 17.16
CA PRO B 48 -5.61 11.14 18.36
C PRO B 48 -7.09 11.48 18.19
N PRO B 49 -7.49 12.04 17.04
CA PRO B 49 -8.91 12.35 16.90
C PRO B 49 -9.87 11.17 17.13
N TRP B 50 -9.37 9.96 16.91
CA TRP B 50 -10.19 8.75 17.11
C TRP B 50 -9.57 7.89 18.21
N ASP B 51 -8.76 8.52 19.05
CA ASP B 51 -8.10 7.84 20.16
C ASP B 51 -7.29 6.63 19.69
N LYS B 52 -6.70 6.74 18.51
CA LYS B 52 -5.91 5.65 17.96
C LYS B 52 -4.43 5.90 18.30
N ASN B 53 -3.82 4.96 19.01
CA ASN B 53 -2.40 5.08 19.38
C ASN B 53 -1.86 3.71 19.75
N PHE B 54 -1.59 2.89 18.74
CA PHE B 54 -1.08 1.53 18.93
C PHE B 54 0.42 1.40 19.19
N THR B 55 0.79 0.33 19.87
CA THR B 55 2.19 0.06 20.18
C THR B 55 2.57 -1.29 19.55
N GLU B 56 3.86 -1.59 19.52
CA GLU B 56 4.38 -2.83 18.95
C GLU B 56 3.65 -4.10 19.37
N ASN B 57 3.25 -4.18 20.63
CA ASN B 57 2.57 -5.37 21.11
C ASN B 57 1.07 -5.46 20.84
N ASP B 58 0.48 -4.38 20.32
CA ASP B 58 -0.94 -4.38 20.01
C ASP B 58 -1.19 -4.98 18.63
N LEU B 59 -0.12 -5.11 17.85
CA LEU B 59 -0.25 -5.59 16.48
C LEU B 59 0.51 -6.84 16.06
N LEU B 60 0.12 -7.36 14.90
CA LEU B 60 0.72 -8.51 14.25
C LEU B 60 0.68 -8.21 12.75
N VAL B 61 1.69 -8.67 12.01
CA VAL B 61 1.66 -8.47 10.57
C VAL B 61 1.48 -9.85 9.92
N ARG B 62 0.55 -9.94 8.97
CA ARG B 62 0.29 -11.20 8.29
C ARG B 62 0.69 -11.06 6.81
N ILE B 63 1.74 -11.79 6.42
CA ILE B 63 2.28 -11.75 5.07
C ILE B 63 1.95 -12.95 4.19
N GLY B 64 1.68 -12.69 2.91
CA GLY B 64 1.39 -13.77 1.97
C GLY B 64 -0.07 -14.19 1.88
N LYS B 65 -0.96 -13.36 2.40
CA LYS B 65 -2.39 -13.69 2.39
C LYS B 65 -3.13 -13.39 1.10
N HIS B 66 -4.31 -13.99 0.98
CA HIS B 66 -5.19 -13.82 -0.16
C HIS B 66 -6.58 -13.62 0.42
N SER B 67 -7.02 -14.60 1.21
CA SER B 67 -8.32 -14.52 1.85
C SER B 67 -8.26 -13.48 2.98
N ARG B 68 -9.35 -12.73 3.15
CA ARG B 68 -9.39 -11.71 4.19
C ARG B 68 -9.56 -12.28 5.58
N THR B 69 -10.46 -13.24 5.73
CA THR B 69 -10.74 -13.80 7.04
C THR B 69 -10.13 -15.14 7.42
N ARG B 70 -9.77 -15.96 6.45
CA ARG B 70 -9.23 -17.27 6.76
C ARG B 70 -7.76 -17.25 7.18
N TYR B 71 -7.38 -18.21 8.01
CA TYR B 71 -5.99 -18.34 8.41
C TYR B 71 -5.51 -19.33 7.34
N GLU B 72 -4.79 -18.82 6.34
CA GLU B 72 -4.33 -19.64 5.24
C GLU B 72 -3.10 -20.45 5.57
N ARG B 73 -3.33 -21.50 6.35
CA ARG B 73 -2.32 -22.43 6.82
C ARG B 73 -1.32 -22.84 5.74
N ASN B 74 -0.04 -22.87 6.11
CA ASN B 74 1.05 -23.25 5.22
C ASN B 74 1.35 -22.23 4.13
N ILE B 75 0.55 -21.18 4.05
CA ILE B 75 0.77 -20.16 3.03
C ILE B 75 1.17 -18.83 3.65
N GLU B 76 0.28 -18.25 4.44
CA GLU B 76 0.56 -16.97 5.08
C GLU B 76 1.56 -17.12 6.22
N LYS B 77 2.17 -16.00 6.60
CA LYS B 77 3.14 -16.03 7.69
C LYS B 77 2.86 -14.84 8.61
N ILE B 78 2.83 -15.11 9.91
CA ILE B 78 2.56 -14.08 10.91
C ILE B 78 3.83 -13.68 11.64
N SER B 79 4.09 -12.38 11.73
CA SER B 79 5.29 -11.89 12.41
C SER B 79 4.94 -10.84 13.46
N MET B 80 5.79 -10.71 14.46
CA MET B 80 5.58 -9.73 15.51
C MET B 80 6.45 -8.52 15.23
N LEU B 81 6.08 -7.39 15.80
CA LEU B 81 6.82 -6.16 15.61
C LEU B 81 7.85 -5.94 16.69
N GLU B 82 9.06 -5.55 16.28
CA GLU B 82 10.12 -5.29 17.22
C GLU B 82 10.09 -3.80 17.58
N LYS B 83 10.00 -2.95 16.57
CA LYS B 83 9.96 -1.51 16.80
C LYS B 83 9.16 -0.80 15.71
N ILE B 84 8.50 0.29 16.10
CA ILE B 84 7.71 1.09 15.16
C ILE B 84 8.31 2.50 15.08
N TYR B 85 8.34 3.07 13.89
CA TYR B 85 8.87 4.43 13.73
C TYR B 85 7.92 5.29 12.91
N ILE B 86 7.35 6.32 13.55
CA ILE B 86 6.44 7.23 12.86
C ILE B 86 7.29 8.41 12.40
N HIS B 87 6.96 9.00 11.25
CA HIS B 87 7.75 10.14 10.80
C HIS B 87 7.63 11.27 11.82
N PRO B 88 8.76 11.83 12.27
CA PRO B 88 8.78 12.91 13.25
C PRO B 88 7.91 14.13 12.92
N ARG B 89 7.67 14.40 11.65
CA ARG B 89 6.84 15.54 11.28
C ARG B 89 5.47 15.16 10.72
N TYR B 90 5.00 13.98 11.08
CA TYR B 90 3.70 13.50 10.66
C TYR B 90 2.68 14.49 11.23
N ASN B 91 1.84 15.06 10.37
CA ASN B 91 0.86 16.05 10.78
C ASN B 91 -0.56 15.50 10.83
N TRP B 92 -0.96 14.93 11.95
CA TRP B 92 -2.32 14.38 12.06
C TRP B 92 -3.33 15.47 12.37
N ARG B 93 -2.84 16.64 12.80
CA ARG B 93 -3.70 17.78 13.15
C ARG B 93 -4.38 18.46 11.98
N GLU B 94 -3.64 18.74 10.92
CA GLU B 94 -4.20 19.45 9.76
C GLU B 94 -4.61 18.63 8.54
N ASN B 95 -3.63 17.94 7.94
CA ASN B 95 -3.87 17.23 6.69
C ASN B 95 -3.17 15.87 6.48
N LEU B 96 -2.81 15.19 7.55
CA LEU B 96 -2.12 13.91 7.41
C LEU B 96 -0.84 14.02 6.55
N ASP B 97 -0.16 15.15 6.67
CA ASP B 97 1.08 15.38 5.92
C ASP B 97 2.13 14.39 6.45
N ARG B 98 2.89 13.79 5.55
CA ARG B 98 3.91 12.80 5.91
C ARG B 98 3.29 11.61 6.64
N ASP B 99 2.23 11.07 6.05
CA ASP B 99 1.51 9.91 6.58
C ASP B 99 2.30 8.64 6.23
N ILE B 100 3.35 8.35 7.00
CA ILE B 100 4.20 7.20 6.74
C ILE B 100 4.80 6.64 8.02
N ALA B 101 5.03 5.32 8.04
CA ALA B 101 5.62 4.66 9.20
C ALA B 101 6.32 3.37 8.79
N LEU B 102 7.40 3.07 9.48
CA LEU B 102 8.18 1.86 9.22
C LEU B 102 8.05 0.95 10.44
N MET B 103 7.95 -0.36 10.18
CA MET B 103 7.83 -1.33 11.25
C MET B 103 8.91 -2.39 11.07
N LYS B 104 9.68 -2.64 12.13
CA LYS B 104 10.73 -3.64 12.06
C LYS B 104 10.24 -4.96 12.63
N LEU B 105 10.34 -6.01 11.81
CA LEU B 105 9.91 -7.34 12.22
C LEU B 105 10.91 -7.95 13.19
N LYS B 106 10.42 -8.69 14.18
CA LYS B 106 11.31 -9.32 15.15
C LYS B 106 12.32 -10.23 14.45
N LYS B 107 11.83 -11.10 13.57
CA LYS B 107 12.69 -12.02 12.81
C LYS B 107 12.45 -11.84 11.32
N PRO B 108 13.48 -12.13 10.51
CA PRO B 108 13.36 -12.00 9.05
C PRO B 108 12.29 -12.97 8.53
N VAL B 109 11.63 -12.60 7.45
CA VAL B 109 10.62 -13.45 6.85
C VAL B 109 11.25 -14.19 5.68
N ALA B 110 10.89 -15.45 5.49
CA ALA B 110 11.44 -16.24 4.39
C ALA B 110 10.57 -16.03 3.16
N PHE B 111 11.20 -15.67 2.04
CA PHE B 111 10.47 -15.45 0.82
C PHE B 111 9.95 -16.76 0.22
N SER B 112 8.95 -16.65 -0.64
CA SER B 112 8.35 -17.81 -1.29
C SER B 112 7.59 -17.31 -2.50
N ASP B 113 6.75 -18.16 -3.06
CA ASP B 113 5.95 -17.78 -4.22
C ASP B 113 4.89 -16.72 -3.88
N TYR B 114 4.46 -16.69 -2.62
CA TYR B 114 3.43 -15.74 -2.19
C TYR B 114 3.96 -14.61 -1.32
N ILE B 115 5.27 -14.62 -1.06
CA ILE B 115 5.89 -13.60 -0.23
C ILE B 115 7.17 -13.10 -0.90
N HIS B 116 7.16 -11.83 -1.30
CA HIS B 116 8.31 -11.25 -1.98
C HIS B 116 8.24 -9.73 -1.81
N PRO B 117 9.39 -9.09 -1.59
CA PRO B 117 9.43 -7.64 -1.42
C PRO B 117 9.29 -6.81 -2.71
N VAL B 118 8.60 -5.69 -2.59
CA VAL B 118 8.41 -4.79 -3.72
C VAL B 118 9.63 -3.89 -3.68
N CYS B 119 9.95 -3.23 -4.79
CA CYS B 119 11.10 -2.35 -4.81
C CYS B 119 10.75 -0.94 -4.34
N LEU B 120 11.75 -0.25 -3.82
CA LEU B 120 11.56 1.12 -3.38
C LEU B 120 12.14 1.94 -4.52
N PRO B 121 11.41 2.95 -4.98
CA PRO B 121 11.87 3.80 -6.09
C PRO B 121 13.10 4.65 -5.78
N ASP B 122 13.84 4.97 -6.84
CA ASP B 122 15.00 5.83 -6.75
C ASP B 122 14.60 7.05 -7.55
N ARG B 123 15.37 8.13 -7.47
CA ARG B 123 15.03 9.37 -8.19
C ARG B 123 14.64 9.18 -9.66
N GLU B 124 15.44 8.42 -10.41
CA GLU B 124 15.17 8.19 -11.83
C GLU B 124 13.83 7.50 -12.11
N THR B 125 13.50 6.48 -11.33
CA THR B 125 12.24 5.77 -11.53
C THR B 125 11.02 6.62 -11.15
N ALA B 126 11.15 7.40 -10.09
CA ALA B 126 10.06 8.27 -9.66
C ALA B 126 9.78 9.36 -10.70
N ALA B 127 10.84 9.97 -11.21
CA ALA B 127 10.68 11.03 -12.20
C ALA B 127 10.06 10.48 -13.47
N SER B 128 10.42 9.26 -13.81
CA SER B 128 9.92 8.64 -15.02
C SER B 128 8.49 8.10 -14.95
N LEU B 129 8.09 7.56 -13.81
CA LEU B 129 6.77 6.97 -13.67
C LEU B 129 5.68 7.82 -13.01
N LEU B 130 6.07 8.75 -12.15
CA LEU B 130 5.09 9.60 -11.47
C LEU B 130 4.62 10.73 -12.37
N GLN B 131 3.71 10.41 -13.27
CA GLN B 131 3.16 11.37 -14.21
C GLN B 131 1.65 11.22 -14.36
N ALA B 132 0.95 12.34 -14.44
CA ALA B 132 -0.50 12.32 -14.58
C ALA B 132 -0.86 11.45 -15.78
N GLY B 133 -1.85 10.58 -15.62
CA GLY B 133 -2.26 9.72 -16.71
C GLY B 133 -1.70 8.31 -16.57
N TYR B 134 -0.51 8.20 -15.99
CA TYR B 134 0.12 6.90 -15.78
C TYR B 134 -0.66 6.16 -14.70
N LYS B 135 -1.02 4.91 -14.96
CA LYS B 135 -1.78 4.14 -13.99
C LYS B 135 -0.95 3.33 -12.99
N GLY B 136 -1.52 3.21 -11.80
CA GLY B 136 -0.89 2.45 -10.74
C GLY B 136 -1.91 1.43 -10.25
N ARG B 137 -1.47 0.57 -9.35
CA ARG B 137 -2.33 -0.46 -8.81
C ARG B 137 -2.40 -0.39 -7.29
N VAL B 138 -3.62 -0.43 -6.77
CA VAL B 138 -3.85 -0.37 -5.33
C VAL B 138 -4.50 -1.70 -4.94
N THR B 139 -4.16 -2.22 -3.76
CA THR B 139 -4.72 -3.48 -3.29
C THR B 139 -5.11 -3.39 -1.83
N GLY B 140 -6.10 -4.18 -1.43
CA GLY B 140 -6.54 -4.17 -0.04
C GLY B 140 -7.80 -4.97 0.18
N TRP B 141 -8.09 -5.22 1.45
CA TRP B 141 -9.26 -5.99 1.85
C TRP B 141 -10.28 -5.03 2.48
N GLY B 142 -10.18 -3.76 2.11
CA GLY B 142 -11.08 -2.76 2.66
C GLY B 142 -12.51 -2.85 2.16
N ASN B 143 -13.33 -1.90 2.58
CA ASN B 143 -14.74 -1.88 2.18
C ASN B 143 -14.93 -1.77 0.67
N LEU B 144 -16.04 -2.33 0.21
CA LEU B 144 -16.39 -2.34 -1.21
C LEU B 144 -17.22 -1.12 -1.59
N LYS B 145 -17.82 -0.48 -0.60
CA LYS B 145 -18.63 0.72 -0.82
C LYS B 145 -18.53 1.65 0.37
N GLU B 146 -19.05 2.86 0.23
CA GLU B 146 -19.02 3.82 1.32
C GLU B 146 -19.96 3.41 2.44
N THR B 147 -19.48 3.46 3.68
CA THR B 147 -20.29 3.10 4.84
C THR B 147 -20.62 4.33 5.68
N GLY B 155 -20.63 -6.15 2.44
CA GLY B 155 -19.90 -4.91 2.61
C GLY B 155 -18.41 -5.08 2.41
N GLN B 156 -17.87 -6.19 2.90
CA GLN B 156 -16.44 -6.48 2.78
C GLN B 156 -16.22 -7.63 1.78
N PRO B 157 -14.99 -7.73 1.23
CA PRO B 157 -14.65 -8.78 0.27
C PRO B 157 -14.09 -10.03 0.95
N SER B 158 -14.17 -11.17 0.27
CA SER B 158 -13.65 -12.40 0.83
C SER B 158 -12.17 -12.53 0.48
N VAL B 159 -11.80 -12.03 -0.69
CA VAL B 159 -10.40 -12.11 -1.10
C VAL B 159 -9.83 -10.72 -1.44
N LEU B 160 -8.50 -10.65 -1.45
CA LEU B 160 -7.79 -9.41 -1.76
C LEU B 160 -8.34 -8.77 -3.01
N GLN B 161 -8.62 -7.47 -2.94
CA GLN B 161 -9.16 -6.73 -4.06
C GLN B 161 -8.06 -5.90 -4.70
N VAL B 162 -8.15 -5.73 -6.01
CA VAL B 162 -7.17 -4.96 -6.76
C VAL B 162 -7.90 -4.02 -7.69
N VAL B 163 -7.33 -2.85 -7.92
CA VAL B 163 -7.93 -1.88 -8.83
C VAL B 163 -6.80 -1.05 -9.44
N ASN B 164 -6.93 -0.72 -10.73
CA ASN B 164 -5.93 0.08 -11.43
C ASN B 164 -6.46 1.50 -11.60
N LEU B 165 -5.68 2.47 -11.13
CA LEU B 165 -6.11 3.87 -11.18
C LEU B 165 -5.05 4.78 -11.76
N PRO B 166 -5.48 5.82 -12.45
CA PRO B 166 -4.54 6.77 -13.05
C PRO B 166 -4.16 7.88 -12.06
N ILE B 167 -2.93 8.36 -12.16
CA ILE B 167 -2.46 9.44 -11.30
C ILE B 167 -3.11 10.70 -11.87
N VAL B 168 -3.47 11.64 -11.00
CA VAL B 168 -4.13 12.86 -11.43
C VAL B 168 -3.25 14.11 -11.27
N GLU B 169 -3.41 15.07 -12.18
CA GLU B 169 -2.63 16.31 -12.12
C GLU B 169 -2.80 16.96 -10.75
N ARG B 170 -1.72 17.53 -10.24
CA ARG B 170 -1.75 18.18 -8.92
C ARG B 170 -2.88 19.23 -8.80
N PRO B 171 -3.01 20.14 -9.78
CA PRO B 171 -4.06 21.17 -9.75
C PRO B 171 -5.47 20.60 -9.55
N VAL B 172 -5.80 19.56 -10.29
CA VAL B 172 -7.11 18.93 -10.18
C VAL B 172 -7.30 18.35 -8.78
N CYS B 173 -6.23 17.81 -8.20
CA CYS B 173 -6.29 17.26 -6.84
C CYS B 173 -6.59 18.39 -5.86
N LYS B 174 -5.90 19.51 -6.04
CA LYS B 174 -6.06 20.67 -5.15
C LYS B 174 -7.45 21.28 -5.15
N ASP B 175 -8.06 21.39 -6.32
CA ASP B 175 -9.40 21.97 -6.45
C ASP B 175 -10.56 21.04 -6.13
N SER B 176 -10.25 19.86 -5.60
CA SER B 176 -11.31 18.91 -5.27
C SER B 176 -11.57 18.82 -3.77
N THR B 177 -10.80 19.55 -2.96
CA THR B 177 -10.97 19.53 -1.51
C THR B 177 -10.56 20.85 -0.84
N ARG B 178 -10.96 20.99 0.43
CA ARG B 178 -10.62 22.17 1.21
C ARG B 178 -9.43 21.84 2.08
N ILE B 179 -9.01 20.57 2.05
CA ILE B 179 -7.86 20.13 2.82
C ILE B 179 -6.60 20.61 2.12
N ARG B 180 -5.69 21.20 2.87
CA ARG B 180 -4.44 21.71 2.32
C ARG B 180 -3.52 20.55 1.93
N ILE B 181 -3.28 20.36 0.63
CA ILE B 181 -2.41 19.28 0.21
C ILE B 181 -0.96 19.76 0.17
N THR B 182 -0.02 18.84 0.34
CA THR B 182 1.40 19.18 0.33
C THR B 182 2.13 18.44 -0.76
N ASP B 183 3.43 18.70 -0.88
CA ASP B 183 4.28 18.03 -1.86
C ASP B 183 4.51 16.56 -1.51
N ASN B 184 4.26 16.19 -0.25
CA ASN B 184 4.46 14.81 0.18
C ASN B 184 3.27 13.91 -0.09
N MET B 185 2.39 14.34 -0.98
CA MET B 185 1.23 13.53 -1.31
C MET B 185 0.79 13.76 -2.76
N PHE B 186 0.02 12.82 -3.29
CA PHE B 186 -0.50 12.95 -4.64
C PHE B 186 -1.85 12.23 -4.66
N CYS B 187 -2.68 12.50 -5.67
CA CYS B 187 -3.98 11.84 -5.72
C CYS B 187 -4.17 11.06 -7.01
N ALA B 188 -5.07 10.08 -6.96
CA ALA B 188 -5.32 9.24 -8.12
C ALA B 188 -6.78 8.83 -8.19
N GLY B 189 -7.26 8.63 -9.40
CA GLY B 189 -8.63 8.22 -9.61
C GLY B 189 -9.11 8.70 -10.98
N TYR B 190 -10.23 8.16 -11.43
CA TYR B 190 -10.77 8.58 -12.71
C TYR B 190 -11.59 9.84 -12.49
N LYS B 191 -11.60 10.70 -13.50
CA LYS B 191 -12.38 11.93 -13.41
C LYS B 191 -13.83 11.57 -13.70
N PRO B 192 -14.76 12.48 -13.37
CA PRO B 192 -16.20 12.29 -13.58
C PRO B 192 -16.62 11.85 -14.99
N ASP B 193 -15.94 12.37 -16.01
CA ASP B 193 -16.30 12.03 -17.38
C ASP B 193 -15.44 10.95 -18.07
N GLU B 194 -14.67 10.19 -17.30
CA GLU B 194 -13.84 9.17 -17.91
C GLU B 194 -14.55 7.83 -17.98
N GLY B 195 -15.79 7.78 -17.50
CA GLY B 195 -16.55 6.55 -17.55
C GLY B 195 -16.18 5.58 -16.45
N LYS B 196 -14.98 5.02 -16.50
CA LYS B 196 -14.52 4.08 -15.50
C LYS B 196 -14.43 4.72 -14.13
N ARG B 197 -14.51 3.91 -13.09
CA ARG B 197 -14.41 4.40 -11.71
C ARG B 197 -13.60 3.45 -10.83
N GLY B 198 -13.51 3.76 -9.54
CA GLY B 198 -12.74 2.93 -8.63
C GLY B 198 -12.00 3.79 -7.62
N ASP B 199 -11.74 3.24 -6.44
CA ASP B 199 -11.06 4.00 -5.39
C ASP B 199 -10.74 3.09 -4.22
N ALA B 200 -9.86 3.56 -3.34
CA ALA B 200 -9.54 2.82 -2.13
C ALA B 200 -10.64 3.27 -1.18
N CYS B 201 -10.75 2.64 -0.03
CA CYS B 201 -11.78 3.02 0.92
C CYS B 201 -11.30 2.67 2.31
N GLU B 202 -12.18 2.90 3.29
CA GLU B 202 -11.89 2.59 4.67
C GLU B 202 -11.39 1.14 4.71
N GLY B 203 -10.31 0.88 5.44
CA GLY B 203 -9.79 -0.47 5.52
C GLY B 203 -8.60 -0.74 4.60
N ASP B 204 -8.47 0.06 3.55
CA ASP B 204 -7.36 -0.06 2.61
C ASP B 204 -6.14 0.74 3.08
N SER B 205 -6.33 1.60 4.09
CA SER B 205 -5.26 2.44 4.64
C SER B 205 -3.94 1.70 4.79
N GLY B 206 -2.84 2.34 4.39
CA GLY B 206 -1.52 1.74 4.50
C GLY B 206 -1.18 0.84 3.33
N GLY B 207 -2.19 0.54 2.52
CA GLY B 207 -1.95 -0.31 1.37
C GLY B 207 -1.01 0.32 0.37
N PRO B 208 -0.34 -0.50 -0.45
CA PRO B 208 0.61 -0.04 -1.46
C PRO B 208 0.02 0.40 -2.79
N PHE B 209 0.54 1.49 -3.32
CA PHE B 209 0.15 1.97 -4.65
C PHE B 209 1.41 1.65 -5.45
N VAL B 210 1.34 0.68 -6.36
CA VAL B 210 2.54 0.30 -7.12
C VAL B 210 2.45 0.51 -8.62
N MET B 211 3.61 0.53 -9.26
CA MET B 211 3.70 0.70 -10.70
C MET B 211 4.76 -0.27 -11.19
N LYS B 212 4.56 -0.83 -12.38
CA LYS B 212 5.53 -1.75 -12.94
C LYS B 212 6.41 -0.98 -13.91
N SER B 213 7.71 -0.96 -13.65
CA SER B 213 8.62 -0.25 -14.52
C SER B 213 8.76 -0.93 -15.86
N PRO B 214 8.59 -0.18 -16.95
CA PRO B 214 8.71 -0.75 -18.30
C PRO B 214 10.18 -0.92 -18.68
N PHE B 215 11.08 -0.35 -17.87
CA PHE B 215 12.52 -0.42 -18.13
C PHE B 215 13.18 -1.72 -17.64
N ASN B 216 12.94 -2.10 -16.39
CA ASN B 216 13.55 -3.32 -15.88
C ASN B 216 12.54 -4.37 -15.45
N ASN B 217 11.25 -4.12 -15.68
CA ASN B 217 10.20 -5.07 -15.33
C ASN B 217 9.89 -5.26 -13.86
N ARG B 218 10.50 -4.45 -13.00
CA ARG B 218 10.26 -4.60 -11.57
C ARG B 218 9.11 -3.73 -11.07
N TRP B 219 8.46 -4.18 -10.01
CA TRP B 219 7.36 -3.44 -9.42
C TRP B 219 7.89 -2.49 -8.36
N TYR B 220 7.46 -1.24 -8.42
CA TYR B 220 7.91 -0.23 -7.46
C TYR B 220 6.73 0.33 -6.66
N GLN B 221 6.96 0.62 -5.39
CA GLN B 221 5.89 1.20 -4.57
C GLN B 221 6.06 2.72 -4.60
N MET B 222 5.15 3.41 -5.27
CA MET B 222 5.21 4.86 -5.38
C MET B 222 4.42 5.57 -4.28
N GLY B 223 3.36 4.93 -3.80
CA GLY B 223 2.56 5.57 -2.77
C GLY B 223 1.97 4.67 -1.73
N ILE B 224 1.33 5.29 -0.74
CA ILE B 224 0.67 4.57 0.35
C ILE B 224 -0.74 5.14 0.47
N VAL B 225 -1.74 4.28 0.64
CA VAL B 225 -3.12 4.73 0.80
C VAL B 225 -3.18 5.63 2.05
N SER B 226 -3.44 6.91 1.85
CA SER B 226 -3.47 7.86 2.98
C SER B 226 -4.86 8.34 3.38
N TRP B 227 -5.49 9.15 2.55
CA TRP B 227 -6.83 9.65 2.89
C TRP B 227 -7.70 9.95 1.70
N GLY B 228 -8.96 10.24 2.00
CA GLY B 228 -9.93 10.57 0.98
C GLY B 228 -11.18 11.09 1.67
N GLU B 229 -12.17 11.51 0.90
CA GLU B 229 -13.41 12.01 1.45
C GLU B 229 -14.53 11.16 0.85
N GLY B 230 -14.92 10.15 1.60
CA GLY B 230 -15.94 9.22 1.12
C GLY B 230 -15.16 8.17 0.34
N CYS B 231 -15.83 7.46 -0.55
CA CYS B 231 -15.17 6.45 -1.37
C CYS B 231 -15.82 6.39 -2.73
N ASP B 232 -15.02 6.60 -3.77
CA ASP B 232 -15.53 6.54 -5.13
C ASP B 232 -16.62 7.56 -5.42
N ARG B 233 -16.51 8.75 -4.82
CA ARG B 233 -17.48 9.80 -5.06
C ARG B 233 -17.01 10.57 -6.29
N ASP B 234 -17.94 10.94 -7.15
CA ASP B 234 -17.56 11.68 -8.36
C ASP B 234 -16.96 13.02 -7.96
N GLY B 235 -15.91 13.43 -8.68
CA GLY B 235 -15.26 14.70 -8.37
C GLY B 235 -14.30 14.62 -7.21
N LYS B 236 -14.20 13.45 -6.59
CA LYS B 236 -13.29 13.27 -5.45
C LYS B 236 -12.17 12.29 -5.80
N TYR B 237 -11.02 12.44 -5.14
CA TYR B 237 -9.90 11.57 -5.42
C TYR B 237 -9.20 11.04 -4.18
N GLY B 238 -8.63 9.84 -4.30
CA GLY B 238 -7.90 9.26 -3.18
C GLY B 238 -6.52 9.88 -3.11
N PHE B 239 -6.03 10.13 -1.90
CA PHE B 239 -4.71 10.70 -1.74
C PHE B 239 -3.74 9.68 -1.18
N TYR B 240 -2.49 9.76 -1.64
CA TYR B 240 -1.47 8.81 -1.23
C TYR B 240 -0.19 9.51 -0.77
N THR B 241 0.50 8.88 0.16
CA THR B 241 1.77 9.42 0.64
C THR B 241 2.81 9.22 -0.46
N HIS B 242 3.53 10.29 -0.79
CA HIS B 242 4.55 10.25 -1.83
C HIS B 242 5.82 9.59 -1.29
N VAL B 243 5.93 8.29 -1.51
CA VAL B 243 7.06 7.51 -1.02
C VAL B 243 8.47 8.02 -1.33
N PHE B 244 8.75 8.37 -2.57
CA PHE B 244 10.09 8.84 -2.89
C PHE B 244 10.49 10.10 -2.13
N ARG B 245 9.55 11.03 -1.98
CA ARG B 245 9.80 12.28 -1.26
C ARG B 245 10.28 12.02 0.16
N LEU B 246 9.94 10.86 0.72
CA LEU B 246 10.32 10.51 2.08
C LEU B 246 11.36 9.38 2.11
N LYS B 247 11.94 9.09 0.95
CA LYS B 247 12.93 8.02 0.83
C LYS B 247 14.15 8.22 1.73
N LYS B 248 14.61 9.46 1.85
CA LYS B 248 15.78 9.75 2.67
C LYS B 248 15.55 9.45 4.15
N TRP B 249 14.33 9.70 4.64
CA TRP B 249 14.02 9.40 6.02
C TRP B 249 13.96 7.88 6.16
N ILE B 250 13.44 7.22 5.12
CA ILE B 250 13.32 5.77 5.12
C ILE B 250 14.68 5.10 5.18
N GLN B 251 15.61 5.61 4.38
CA GLN B 251 16.96 5.07 4.33
C GLN B 251 17.67 5.30 5.66
N LYS B 252 17.54 6.50 6.19
CA LYS B 252 18.16 6.86 7.46
C LYS B 252 17.76 5.87 8.55
N VAL B 253 16.46 5.68 8.72
CA VAL B 253 15.95 4.77 9.74
C VAL B 253 16.47 3.34 9.57
N ILE B 254 16.56 2.89 8.33
CA ILE B 254 17.02 1.54 8.07
C ILE B 254 18.53 1.36 8.25
N ASP B 255 19.31 2.38 7.92
CA ASP B 255 20.76 2.27 8.06
C ASP B 255 21.28 2.45 9.49
N GLN B 256 20.53 3.16 10.33
CA GLN B 256 21.00 3.37 11.70
C GLN B 256 20.30 2.49 12.73
N PHE B 257 19.22 1.82 12.33
CA PHE B 257 18.50 0.95 13.24
C PHE B 257 18.39 -0.47 12.71
N TYR C 2 -13.42 -13.04 11.44
CA TYR C 2 -12.09 -13.57 11.16
C TYR C 2 -11.82 -14.90 11.83
N GLU C 3 -11.08 -15.75 11.14
CA GLU C 3 -10.72 -17.06 11.63
C GLU C 3 -9.59 -16.87 12.63
N PRO C 4 -9.70 -17.52 13.81
CA PRO C 4 -8.74 -17.46 14.90
C PRO C 4 -7.30 -17.72 14.50
N ILE C 5 -6.40 -16.89 15.00
CA ILE C 5 -4.99 -17.02 14.72
C ILE C 5 -4.39 -17.96 15.76
N GLU C 7 -2.40 -19.51 18.69
CA GLU C 7 -1.98 -18.86 19.92
C GLU C 7 -0.52 -18.42 20.04
N GLU C 8 0.42 -19.21 19.51
CA GLU C 8 1.83 -18.85 19.66
C GLU C 8 2.29 -17.55 19.01
N GLN C 11 1.75 -13.98 21.77
CA GLN C 11 2.72 -13.58 22.78
C GLN C 11 3.19 -12.14 22.59
#